data_7NPC
#
_entry.id   7NPC
#
_cell.length_a   107.603
_cell.length_b   107.603
_cell.length_c   100.205
_cell.angle_alpha   90.00
_cell.angle_beta   90.00
_cell.angle_gamma   120.00
#
_symmetry.space_group_name_H-M   'P 61 2 2'
#
loop_
_entity.id
_entity.type
_entity.pdbx_description
1 polymer 'Nuclear receptor ROR-gamma'
2 non-polymer '4-[[3-[2-chloranyl-6-(trifluoromethyl)phenyl]-5-(1~{H}-pyrrol-3-yl)-1,2-oxazol-4-yl]methoxy]benzoic acid'
3 non-polymer GLYCEROL
4 water water
#
_entity_poly.entity_id   1
_entity_poly.type   'polypeptide(L)'
_entity_poly.pdbx_seq_one_letter_code
;TEIEHLVQSVCKSYRETCQLRLEDLLRQRSNIFSREEVTGYQRKSMWEMWERCAHHLTEAIQYVVEFAKRLSGFMELCQN
DQIVLLKAGAMEVVLVRMCRAYNADNRTVFFEGKYGGMELFRALGCSELISSIFDFSHSLSALHFSEDEIALYTALVLIN
AHRPGLQEKRKVEQLQYNLELAFHHHLHKTHRQSILAKLPPKGKLRSLCSQHVERLQIFQHLHPIVVQAAFPPLYKELFS
;
_entity_poly.pdbx_strand_id   A
#
# COMPACT_ATOMS: atom_id res chain seq x y z
N THR A 1 5.57 19.47 21.23
CA THR A 1 4.30 19.47 20.45
C THR A 1 4.61 19.40 18.95
N GLU A 2 5.86 19.63 18.54
CA GLU A 2 6.30 19.42 17.12
C GLU A 2 6.04 17.95 16.76
N ILE A 3 6.42 17.02 17.62
CA ILE A 3 6.19 15.56 17.34
C ILE A 3 4.68 15.27 17.42
N GLU A 4 3.96 15.84 18.38
CA GLU A 4 2.49 15.65 18.45
C GLU A 4 1.83 16.22 17.18
N HIS A 5 2.30 17.36 16.68
CA HIS A 5 1.77 17.98 15.45
C HIS A 5 2.06 17.06 14.27
N LEU A 6 3.24 16.43 14.26
CA LEU A 6 3.63 15.54 13.13
C LEU A 6 2.70 14.34 13.13
N VAL A 7 2.42 13.73 14.29
CA VAL A 7 1.45 12.60 14.34
C VAL A 7 0.11 13.08 13.75
N GLN A 8 -0.38 14.23 14.19
CA GLN A 8 -1.70 14.75 13.72
C GLN A 8 -1.64 14.92 12.18
N SER A 9 -0.56 15.52 11.66
CA SER A 9 -0.39 15.81 10.22
C SER A 9 -0.37 14.52 9.41
N VAL A 10 0.39 13.54 9.86
CA VAL A 10 0.53 12.25 9.14
C VAL A 10 -0.84 11.56 9.15
N CYS A 11 -1.53 11.52 10.29
CA CYS A 11 -2.82 10.81 10.39
C CYS A 11 -3.86 11.52 9.52
N LYS A 12 -3.80 12.86 9.44
CA LYS A 12 -4.76 13.63 8.61
C LYS A 12 -4.51 13.29 7.13
N SER A 13 -3.25 13.30 6.72
CA SER A 13 -2.89 12.96 5.32
C SER A 13 -3.43 11.57 4.99
N TYR A 14 -3.22 10.63 5.91
CA TYR A 14 -3.72 9.25 5.74
C TYR A 14 -5.25 9.25 5.60
N ARG A 15 -5.96 9.91 6.53
CA ARG A 15 -7.45 9.90 6.51
C ARG A 15 -7.95 10.45 5.17
N GLU A 16 -7.28 11.48 4.64
CA GLU A 16 -7.72 12.17 3.40
C GLU A 16 -7.43 11.31 2.18
N THR A 17 -6.59 10.28 2.30
CA THR A 17 -6.11 9.49 1.14
C THR A 17 -6.38 7.98 1.30
N CYS A 18 -7.13 7.50 2.29
CA CYS A 18 -7.12 6.04 2.64
C CYS A 18 -8.13 5.25 1.78
N GLN A 19 -8.94 5.94 0.95
CA GLN A 19 -9.89 5.42 -0.08
C GLN A 19 -11.22 4.97 0.55
N LEU A 20 -11.19 3.98 1.44
CA LEU A 20 -12.37 3.42 2.15
C LEU A 20 -12.19 3.64 3.66
N ARG A 21 -13.27 3.95 4.37
CA ARG A 21 -13.25 4.07 5.85
C ARG A 21 -13.14 2.67 6.46
N LEU A 22 -12.40 2.52 7.56
CA LEU A 22 -12.24 1.20 8.23
C LEU A 22 -13.63 0.67 8.64
N GLU A 23 -14.49 1.53 9.20
CA GLU A 23 -15.83 1.07 9.69
C GLU A 23 -16.65 0.55 8.50
N ASP A 24 -16.51 1.14 7.31
CA ASP A 24 -17.17 0.64 6.06
C ASP A 24 -16.60 -0.74 5.70
N LEU A 25 -15.28 -0.91 5.69
CA LEU A 25 -14.65 -2.23 5.40
C LEU A 25 -15.13 -3.25 6.43
N LEU A 26 -15.20 -2.87 7.72
CA LEU A 26 -15.59 -3.81 8.80
C LEU A 26 -17.08 -4.15 8.66
N ARG A 27 -17.94 -3.15 8.44
CA ARG A 27 -19.40 -3.35 8.27
C ARG A 27 -19.66 -4.33 7.10
N GLN A 28 -18.84 -4.31 6.05
CA GLN A 28 -19.10 -5.07 4.81
C GLN A 28 -18.62 -6.53 4.91
N ARG A 29 -18.02 -6.93 6.03
CA ARG A 29 -17.37 -8.27 6.16
C ARG A 29 -18.38 -9.40 5.89
N SER A 30 -19.66 -9.20 6.20
CA SER A 30 -20.73 -10.20 5.95
C SER A 30 -21.24 -10.11 4.50
N ASN A 31 -20.73 -9.18 3.70
CA ASN A 31 -21.12 -9.04 2.28
C ASN A 31 -20.08 -9.78 1.43
N ILE A 32 -20.33 -11.06 1.17
CA ILE A 32 -19.37 -12.02 0.56
C ILE A 32 -19.90 -12.42 -0.81
N PHE A 33 -19.04 -12.44 -1.83
CA PHE A 33 -19.43 -12.90 -3.19
C PHE A 33 -20.03 -14.30 -3.11
N SER A 34 -21.17 -14.50 -3.77
CA SER A 34 -21.84 -15.81 -3.94
C SER A 34 -21.00 -16.73 -4.84
N ARG A 35 -21.30 -18.02 -4.85
CA ARG A 35 -20.63 -19.01 -5.74
C ARG A 35 -20.81 -18.54 -7.19
N GLU A 36 -22.02 -18.11 -7.55
CA GLU A 36 -22.36 -17.62 -8.91
C GLU A 36 -21.47 -16.42 -9.27
N GLU A 37 -21.30 -15.47 -8.35
CA GLU A 37 -20.48 -14.26 -8.58
C GLU A 37 -19.00 -14.63 -8.72
N VAL A 38 -18.52 -15.57 -7.89
CA VAL A 38 -17.11 -16.04 -7.98
C VAL A 38 -16.88 -16.64 -9.37
N THR A 39 -17.78 -17.52 -9.83
CA THR A 39 -17.70 -18.16 -11.16
C THR A 39 -17.68 -17.07 -12.24
N GLY A 40 -18.49 -16.03 -12.10
CA GLY A 40 -18.50 -14.89 -13.04
C GLY A 40 -17.11 -14.27 -13.17
N TYR A 41 -16.41 -14.06 -12.05
CA TYR A 41 -15.04 -13.50 -12.05
C TYR A 41 -14.04 -14.49 -12.65
N GLN A 42 -14.20 -15.78 -12.35
CA GLN A 42 -13.27 -16.82 -12.84
C GLN A 42 -13.39 -16.95 -14.36
N ARG A 43 -14.57 -16.69 -14.92
CA ARG A 43 -14.82 -16.86 -16.38
C ARG A 43 -14.34 -15.64 -17.18
N LYS A 44 -14.13 -14.51 -16.51
CA LYS A 44 -13.58 -13.31 -17.18
C LYS A 44 -12.24 -13.65 -17.82
N SER A 45 -11.92 -12.98 -18.92
CA SER A 45 -10.57 -13.01 -19.51
C SER A 45 -9.52 -12.59 -18.48
N MET A 46 -8.36 -13.25 -18.51
CA MET A 46 -7.11 -12.81 -17.84
C MET A 46 -6.94 -11.30 -18.10
N TRP A 47 -7.22 -10.86 -19.32
CA TRP A 47 -6.87 -9.48 -19.75
C TRP A 47 -7.89 -8.48 -19.21
N GLU A 48 -9.14 -8.90 -19.01
CA GLU A 48 -10.16 -8.05 -18.36
C GLU A 48 -9.84 -7.97 -16.87
N MET A 49 -9.47 -9.08 -16.24
CA MET A 49 -9.13 -9.04 -14.79
C MET A 49 -7.88 -8.17 -14.63
N TRP A 50 -6.94 -8.27 -15.57
CA TRP A 50 -5.73 -7.42 -15.54
C TRP A 50 -6.15 -5.94 -15.63
N GLU A 51 -6.99 -5.59 -16.59
CA GLU A 51 -7.42 -4.17 -16.77
C GLU A 51 -8.04 -3.67 -15.46
N ARG A 52 -8.92 -4.47 -14.84
CA ARG A 52 -9.62 -4.07 -13.59
C ARG A 52 -8.57 -3.86 -12.49
N CYS A 53 -7.72 -4.87 -12.29
CA CYS A 53 -6.74 -4.84 -11.18
C CYS A 53 -5.70 -3.74 -11.41
N ALA A 54 -5.24 -3.55 -12.63
CA ALA A 54 -4.29 -2.47 -12.97
C ALA A 54 -4.88 -1.10 -12.65
N HIS A 55 -6.15 -0.87 -13.02
N HIS A 55 -6.15 -0.88 -12.96
CA HIS A 55 -6.91 0.36 -12.69
CA HIS A 55 -6.81 0.43 -12.69
C HIS A 55 -6.89 0.57 -11.17
C HIS A 55 -7.00 0.61 -11.17
N HIS A 56 -7.31 -0.45 -10.41
CA HIS A 56 -7.42 -0.35 -8.94
C HIS A 56 -6.03 0.00 -8.38
N LEU A 57 -5.00 -0.68 -8.87
CA LEU A 57 -3.63 -0.46 -8.32
C LEU A 57 -3.14 0.93 -8.70
N THR A 58 -3.44 1.40 -9.90
CA THR A 58 -3.04 2.76 -10.34
C THR A 58 -3.67 3.78 -9.40
N GLU A 59 -4.98 3.66 -9.13
CA GLU A 59 -5.67 4.61 -8.23
C GLU A 59 -5.04 4.52 -6.84
N ALA A 60 -4.74 3.31 -6.38
CA ALA A 60 -4.13 3.12 -5.03
C ALA A 60 -2.79 3.86 -4.97
N ILE A 61 -1.96 3.72 -6.00
CA ILE A 61 -0.64 4.40 -6.06
C ILE A 61 -0.85 5.91 -6.02
N GLN A 62 -1.83 6.41 -6.77
CA GLN A 62 -2.07 7.88 -6.84
C GLN A 62 -2.45 8.39 -5.45
N TYR A 63 -3.29 7.67 -4.71
CA TYR A 63 -3.63 8.07 -3.33
C TYR A 63 -2.37 8.08 -2.45
N VAL A 64 -1.48 7.11 -2.65
CA VAL A 64 -0.21 7.06 -1.86
C VAL A 64 0.67 8.27 -2.21
N VAL A 65 0.72 8.66 -3.48
CA VAL A 65 1.49 9.87 -3.86
C VAL A 65 0.86 11.07 -3.14
N GLU A 66 -0.46 11.19 -3.14
CA GLU A 66 -1.14 12.31 -2.45
C GLU A 66 -0.80 12.28 -0.95
N PHE A 67 -0.76 11.07 -0.35
CA PHE A 67 -0.37 10.88 1.06
C PHE A 67 1.03 11.47 1.28
N ALA A 68 1.99 11.09 0.44
CA ALA A 68 3.39 11.54 0.55
C ALA A 68 3.47 13.07 0.41
N LYS A 69 2.74 13.64 -0.55
CA LYS A 69 2.78 15.11 -0.80
C LYS A 69 2.35 15.88 0.44
N ARG A 70 1.50 15.29 1.27
CA ARG A 70 0.95 15.96 2.48
C ARG A 70 1.79 15.62 3.71
N LEU A 71 2.89 14.83 3.59
CA LEU A 71 3.84 14.58 4.71
C LEU A 71 4.75 15.81 4.87
N SER A 72 4.82 16.32 6.10
CA SER A 72 5.66 17.49 6.47
C SER A 72 7.07 17.28 5.90
N GLY A 73 7.53 18.24 5.10
CA GLY A 73 8.91 18.26 4.58
C GLY A 73 9.07 17.50 3.29
N PHE A 74 8.10 16.67 2.87
CA PHE A 74 8.26 15.86 1.64
C PHE A 74 8.41 16.78 0.42
N MET A 75 7.56 17.81 0.30
CA MET A 75 7.58 18.74 -0.87
C MET A 75 8.84 19.61 -0.86
N GLU A 76 9.58 19.66 0.25
CA GLU A 76 10.81 20.48 0.37
C GLU A 76 12.02 19.64 -0.04
N LEU A 77 11.84 18.32 -0.18
CA LEU A 77 12.88 17.44 -0.78
C LEU A 77 13.03 17.84 -2.25
N CYS A 78 14.20 17.62 -2.84
CA CYS A 78 14.41 17.86 -4.28
C CYS A 78 13.58 16.83 -5.07
N GLN A 79 13.20 17.16 -6.29
CA GLN A 79 12.29 16.31 -7.10
C GLN A 79 12.95 14.94 -7.29
N ASN A 80 14.27 14.89 -7.52
CA ASN A 80 15.00 13.60 -7.71
C ASN A 80 14.66 12.70 -6.53
N ASP A 81 14.78 13.21 -5.30
CA ASP A 81 14.62 12.39 -4.07
C ASP A 81 13.15 12.05 -3.88
N GLN A 82 12.21 12.96 -4.19
CA GLN A 82 10.76 12.65 -4.10
C GLN A 82 10.49 11.44 -5.00
N ILE A 83 11.01 11.46 -6.23
CA ILE A 83 10.76 10.36 -7.20
C ILE A 83 11.45 9.08 -6.73
N VAL A 84 12.69 9.18 -6.23
CA VAL A 84 13.40 7.97 -5.74
C VAL A 84 12.54 7.33 -4.65
N LEU A 85 12.04 8.12 -3.71
CA LEU A 85 11.28 7.56 -2.56
C LEU A 85 9.96 6.97 -3.05
N LEU A 86 9.26 7.66 -3.95
CA LEU A 86 7.93 7.18 -4.43
C LEU A 86 8.12 5.94 -5.31
N LYS A 87 9.11 5.93 -6.20
CA LYS A 87 9.34 4.76 -7.07
C LYS A 87 9.61 3.55 -6.16
N ALA A 88 10.47 3.70 -5.15
CA ALA A 88 10.89 2.58 -4.29
C ALA A 88 9.76 2.15 -3.35
N GLY A 89 8.96 3.09 -2.84
CA GLY A 89 8.09 2.85 -1.69
C GLY A 89 6.58 2.86 -1.94
N ALA A 90 6.08 3.48 -3.00
CA ALA A 90 4.62 3.72 -3.10
C ALA A 90 3.88 2.39 -3.22
N MET A 91 4.40 1.42 -3.99
CA MET A 91 3.69 0.11 -4.11
C MET A 91 3.85 -0.70 -2.80
N GLU A 92 4.95 -0.55 -2.07
CA GLU A 92 5.11 -1.19 -0.74
C GLU A 92 3.98 -0.67 0.17
N VAL A 93 3.70 0.62 0.12
CA VAL A 93 2.60 1.20 0.92
C VAL A 93 1.25 0.64 0.46
N VAL A 94 1.00 0.54 -0.84
CA VAL A 94 -0.26 -0.08 -1.34
C VAL A 94 -0.43 -1.48 -0.74
N LEU A 95 0.63 -2.28 -0.76
CA LEU A 95 0.54 -3.68 -0.25
C LEU A 95 0.23 -3.64 1.25
N VAL A 96 0.85 -2.75 2.01
CA VAL A 96 0.55 -2.64 3.47
C VAL A 96 -0.91 -2.21 3.66
N ARG A 97 -1.37 -1.21 2.92
CA ARG A 97 -2.74 -0.66 3.06
C ARG A 97 -3.77 -1.76 2.79
N MET A 98 -3.44 -2.76 1.97
CA MET A 98 -4.39 -3.85 1.65
C MET A 98 -4.85 -4.58 2.92
N CYS A 99 -4.06 -4.62 4.00
CA CYS A 99 -4.39 -5.47 5.18
C CYS A 99 -5.71 -5.00 5.82
N ARG A 100 -6.07 -3.73 5.64
CA ARG A 100 -7.31 -3.15 6.19
C ARG A 100 -8.53 -3.83 5.56
N ALA A 101 -8.42 -4.21 4.30
CA ALA A 101 -9.51 -4.77 3.47
C ALA A 101 -9.48 -6.29 3.52
N TYR A 102 -8.65 -6.87 4.38
CA TYR A 102 -8.47 -8.33 4.49
C TYR A 102 -9.16 -8.83 5.76
N ASN A 103 -9.91 -9.92 5.63
CA ASN A 103 -10.59 -10.60 6.75
C ASN A 103 -9.93 -11.97 6.99
N ALA A 104 -9.17 -12.10 8.07
CA ALA A 104 -8.41 -13.34 8.41
C ALA A 104 -9.36 -14.46 8.83
N ASP A 105 -10.59 -14.16 9.24
CA ASP A 105 -11.59 -15.17 9.69
C ASP A 105 -11.89 -16.16 8.54
N ASN A 106 -12.06 -15.65 7.32
CA ASN A 106 -12.43 -16.46 6.13
C ASN A 106 -11.46 -16.24 4.97
N ARG A 107 -10.32 -15.56 5.21
CA ARG A 107 -9.24 -15.31 4.22
C ARG A 107 -9.83 -14.65 2.97
N THR A 108 -10.60 -13.58 3.15
CA THR A 108 -11.23 -12.82 2.03
C THR A 108 -10.69 -11.39 2.02
N VAL A 109 -10.75 -10.78 0.83
CA VAL A 109 -10.39 -9.35 0.63
C VAL A 109 -11.60 -8.61 0.05
N PHE A 110 -11.78 -7.36 0.45
CA PHE A 110 -12.79 -6.45 -0.14
C PHE A 110 -12.34 -6.04 -1.54
N PHE A 111 -13.10 -6.47 -2.54
CA PHE A 111 -12.78 -6.27 -3.96
C PHE A 111 -14.07 -5.96 -4.73
N GLU A 112 -14.14 -4.77 -5.32
CA GLU A 112 -15.28 -4.35 -6.15
C GLU A 112 -16.59 -4.56 -5.40
N GLY A 113 -16.64 -4.16 -4.12
CA GLY A 113 -17.90 -3.99 -3.38
C GLY A 113 -18.30 -5.18 -2.50
N LYS A 114 -17.59 -6.31 -2.57
CA LYS A 114 -17.85 -7.45 -1.65
C LYS A 114 -16.54 -8.14 -1.31
N TYR A 115 -16.56 -9.03 -0.33
CA TYR A 115 -15.40 -9.85 0.10
C TYR A 115 -15.36 -11.13 -0.72
N GLY A 116 -14.16 -11.49 -1.18
CA GLY A 116 -13.89 -12.73 -1.94
C GLY A 116 -12.54 -13.30 -1.59
N GLY A 117 -12.39 -14.61 -1.74
CA GLY A 117 -11.13 -15.33 -1.52
C GLY A 117 -10.22 -15.20 -2.72
N MET A 118 -9.03 -15.80 -2.62
CA MET A 118 -8.03 -15.64 -3.71
C MET A 118 -8.54 -16.37 -4.97
N GLU A 119 -9.50 -17.30 -4.86
CA GLU A 119 -10.13 -18.01 -6.01
C GLU A 119 -10.80 -16.99 -6.97
N LEU A 120 -11.16 -15.80 -6.49
CA LEU A 120 -11.76 -14.73 -7.33
C LEU A 120 -10.81 -14.37 -8.46
N PHE A 121 -9.50 -14.50 -8.23
CA PHE A 121 -8.45 -13.98 -9.13
C PHE A 121 -7.91 -15.08 -10.05
N ARG A 122 -8.57 -16.25 -10.12
CA ARG A 122 -8.07 -17.42 -10.89
C ARG A 122 -7.68 -17.03 -12.33
N ALA A 123 -8.47 -16.19 -13.01
CA ALA A 123 -8.26 -15.89 -14.44
C ALA A 123 -6.89 -15.23 -14.68
N LEU A 124 -6.30 -14.58 -13.68
CA LEU A 124 -5.00 -13.87 -13.86
C LEU A 124 -3.84 -14.87 -14.02
N GLY A 125 -4.01 -16.12 -13.60
CA GLY A 125 -2.95 -17.14 -13.70
C GLY A 125 -1.66 -16.75 -13.01
N CYS A 126 -1.73 -16.11 -11.84
CA CYS A 126 -0.52 -15.93 -11.00
C CYS A 126 -0.88 -16.22 -9.54
N SER A 127 -1.27 -17.48 -9.32
CA SER A 127 -1.78 -17.94 -8.00
C SER A 127 -0.69 -17.77 -6.94
N GLU A 128 0.59 -17.96 -7.29
CA GLU A 128 1.72 -17.85 -6.34
C GLU A 128 1.79 -16.41 -5.81
N LEU A 129 1.71 -15.42 -6.70
CA LEU A 129 1.79 -13.99 -6.31
C LEU A 129 0.57 -13.65 -5.45
N ILE A 130 -0.62 -14.04 -5.90
CA ILE A 130 -1.90 -13.73 -5.18
C ILE A 130 -1.79 -14.37 -3.78
N SER A 131 -1.35 -15.62 -3.70
CA SER A 131 -1.14 -16.35 -2.44
C SER A 131 -0.22 -15.55 -1.53
N SER A 132 0.89 -15.05 -2.07
CA SER A 132 1.91 -14.27 -1.32
C SER A 132 1.29 -12.98 -0.77
N ILE A 133 0.46 -12.31 -1.57
CA ILE A 133 -0.20 -11.05 -1.14
C ILE A 133 -1.20 -11.36 -0.03
N PHE A 134 -2.00 -12.42 -0.16
CA PHE A 134 -2.97 -12.83 0.89
C PHE A 134 -2.21 -13.17 2.17
N ASP A 135 -1.13 -13.95 2.05
CA ASP A 135 -0.30 -14.38 3.21
C ASP A 135 0.24 -13.14 3.94
N PHE A 136 0.74 -12.16 3.19
CA PHE A 136 1.33 -10.91 3.75
C PHE A 136 0.24 -10.16 4.50
N SER A 137 -0.93 -9.99 3.89
CA SER A 137 -2.10 -9.31 4.50
C SER A 137 -2.52 -10.07 5.77
N HIS A 138 -2.49 -11.41 5.72
CA HIS A 138 -2.88 -12.26 6.88
C HIS A 138 -1.94 -11.94 8.04
N SER A 139 -0.64 -11.85 7.76
CA SER A 139 0.42 -11.53 8.76
C SER A 139 0.16 -10.19 9.44
N LEU A 140 -0.17 -9.15 8.68
CA LEU A 140 -0.43 -7.78 9.23
C LEU A 140 -1.79 -7.73 9.95
N SER A 141 -2.81 -8.39 9.40
CA SER A 141 -4.19 -8.34 9.97
C SER A 141 -4.17 -8.90 11.39
N ALA A 142 -3.27 -9.86 11.65
CA ALA A 142 -3.11 -10.54 12.96
C ALA A 142 -2.69 -9.53 14.01
N LEU A 143 -2.00 -8.45 13.60
CA LEU A 143 -1.52 -7.37 14.50
C LEU A 143 -2.68 -6.48 14.93
N HIS A 144 -3.84 -6.55 14.23
CA HIS A 144 -4.97 -5.61 14.44
C HIS A 144 -4.43 -4.19 14.33
N PHE A 145 -3.63 -3.93 13.28
CA PHE A 145 -3.03 -2.61 13.03
C PHE A 145 -4.13 -1.57 13.16
N SER A 146 -3.92 -0.56 14.00
CA SER A 146 -4.84 0.60 14.09
C SER A 146 -4.65 1.54 12.89
N GLU A 147 -5.59 2.43 12.64
CA GLU A 147 -5.48 3.41 11.53
C GLU A 147 -4.26 4.31 11.71
N ASP A 148 -3.95 4.71 12.93
CA ASP A 148 -2.78 5.60 13.18
C ASP A 148 -1.48 4.79 13.00
N GLU A 149 -1.47 3.53 13.41
CA GLU A 149 -0.28 2.66 13.22
C GLU A 149 -0.02 2.52 11.72
N ILE A 150 -1.06 2.27 10.93
CA ILE A 150 -0.87 2.16 9.45
C ILE A 150 -0.31 3.48 8.90
N ALA A 151 -0.89 4.60 9.30
CA ALA A 151 -0.47 5.93 8.83
C ALA A 151 1.03 6.15 9.12
N LEU A 152 1.47 5.92 10.36
CA LEU A 152 2.85 6.27 10.76
C LEU A 152 3.83 5.23 10.17
N TYR A 153 3.46 3.96 10.17
CA TYR A 153 4.30 2.86 9.59
C TYR A 153 4.49 3.12 8.09
N THR A 154 3.41 3.44 7.37
CA THR A 154 3.52 3.66 5.90
C THR A 154 4.29 4.95 5.60
N ALA A 155 4.18 5.98 6.43
CA ALA A 155 5.04 7.18 6.26
C ALA A 155 6.52 6.72 6.30
N LEU A 156 6.87 5.78 7.18
CA LEU A 156 8.27 5.31 7.32
C LEU A 156 8.65 4.34 6.19
N VAL A 157 7.69 3.62 5.62
CA VAL A 157 7.98 2.80 4.39
C VAL A 157 8.47 3.77 3.31
N LEU A 158 7.80 4.93 3.14
CA LEU A 158 8.21 5.92 2.12
C LEU A 158 9.50 6.64 2.52
N ILE A 159 9.58 7.14 3.74
CA ILE A 159 10.67 8.10 4.09
C ILE A 159 11.83 7.28 4.65
N ASN A 160 12.63 6.77 3.72
CA ASN A 160 13.74 5.81 4.01
C ASN A 160 15.01 6.36 3.33
N ALA A 161 15.93 6.88 4.13
CA ALA A 161 17.17 7.53 3.64
C ALA A 161 18.16 6.50 3.08
N HIS A 162 17.87 5.21 3.17
CA HIS A 162 18.74 4.13 2.62
C HIS A 162 18.44 3.87 1.14
N ARG A 163 17.37 4.43 0.58
CA ARG A 163 17.06 4.18 -0.85
C ARG A 163 18.25 4.61 -1.70
N PRO A 164 18.79 3.72 -2.57
CA PRO A 164 19.83 4.13 -3.51
C PRO A 164 19.38 5.29 -4.40
N GLY A 165 20.29 6.25 -4.61
CA GLY A 165 20.16 7.31 -5.63
C GLY A 165 19.65 8.61 -5.06
N LEU A 166 19.57 8.74 -3.73
CA LEU A 166 19.20 10.02 -3.08
C LEU A 166 20.35 11.02 -3.22
N GLN A 167 20.03 12.27 -3.52
CA GLN A 167 21.01 13.36 -3.72
C GLN A 167 21.17 14.18 -2.42
N GLU A 168 20.15 14.24 -1.56
CA GLU A 168 20.19 15.00 -0.28
C GLU A 168 19.87 14.06 0.87
N LYS A 169 20.74 13.08 1.10
CA LYS A 169 20.47 11.99 2.07
C LYS A 169 20.20 12.59 3.46
N ARG A 170 20.94 13.62 3.87
CA ARG A 170 20.80 14.23 5.22
C ARG A 170 19.37 14.78 5.39
N LYS A 171 18.81 15.40 4.35
CA LYS A 171 17.44 15.97 4.41
C LYS A 171 16.42 14.84 4.59
N VAL A 172 16.61 13.72 3.90
CA VAL A 172 15.67 12.57 4.05
C VAL A 172 15.86 12.00 5.47
N GLU A 173 17.11 11.90 5.94
CA GLU A 173 17.39 11.38 7.30
C GLU A 173 16.61 12.24 8.32
N GLN A 174 16.62 13.56 8.18
CA GLN A 174 15.96 14.45 9.17
C GLN A 174 14.47 14.10 9.23
N LEU A 175 13.83 13.93 8.07
CA LEU A 175 12.38 13.60 8.04
C LEU A 175 12.17 12.21 8.65
N GLN A 176 13.05 11.27 8.32
CA GLN A 176 12.94 9.88 8.80
C GLN A 176 13.02 9.88 10.33
N TYR A 177 13.99 10.58 10.91
CA TYR A 177 14.19 10.55 12.38
C TYR A 177 12.94 11.10 13.08
N ASN A 178 12.37 12.18 12.54
CA ASN A 178 11.15 12.77 13.16
C ASN A 178 9.97 11.80 13.05
N LEU A 179 9.79 11.15 11.90
CA LEU A 179 8.70 10.17 11.75
C LEU A 179 8.93 8.93 12.63
N GLU A 180 10.18 8.52 12.83
CA GLU A 180 10.48 7.36 13.71
C GLU A 180 10.09 7.75 15.14
N LEU A 181 10.48 8.95 15.56
CA LEU A 181 10.15 9.43 16.91
C LEU A 181 8.63 9.53 17.06
N ALA A 182 7.92 10.04 16.06
CA ALA A 182 6.45 10.16 16.09
C ALA A 182 5.83 8.76 16.28
N PHE A 183 6.27 7.79 15.49
CA PHE A 183 5.72 6.41 15.54
C PHE A 183 5.98 5.82 16.93
N HIS A 184 7.23 5.91 17.42
CA HIS A 184 7.63 5.26 18.69
C HIS A 184 6.93 5.94 19.87
N HIS A 185 6.81 7.27 19.84
CA HIS A 185 6.06 8.06 20.85
C HIS A 185 4.62 7.56 20.88
N HIS A 186 4.02 7.43 19.71
CA HIS A 186 2.59 7.05 19.60
C HIS A 186 2.40 5.64 20.14
N LEU A 187 3.27 4.70 19.80
CA LEU A 187 3.18 3.31 20.30
C LEU A 187 3.29 3.31 21.84
N HIS A 188 4.17 4.13 22.39
CA HIS A 188 4.34 4.21 23.87
C HIS A 188 3.04 4.71 24.52
N LYS A 189 2.46 5.78 23.97
CA LYS A 189 1.24 6.44 24.54
C LYS A 189 0.04 5.47 24.50
N THR A 190 -0.01 4.58 23.51
CA THR A 190 -1.15 3.67 23.28
C THR A 190 -0.86 2.26 23.79
N HIS A 191 0.29 2.04 24.43
CA HIS A 191 0.67 0.73 25.00
C HIS A 191 0.70 -0.34 23.89
N ARG A 192 1.26 0.03 22.75
CA ARG A 192 1.30 -0.84 21.55
C ARG A 192 2.75 -1.10 21.09
N GLN A 193 3.75 -0.90 21.94
CA GLN A 193 5.15 -1.13 21.52
C GLN A 193 5.38 -2.61 21.17
N SER A 194 4.54 -3.51 21.69
CA SER A 194 4.61 -4.97 21.45
C SER A 194 4.55 -5.27 19.94
N ILE A 195 3.96 -4.40 19.12
CA ILE A 195 3.86 -4.71 17.65
C ILE A 195 5.23 -4.57 16.98
N LEU A 196 6.19 -3.81 17.55
CA LEU A 196 7.49 -3.57 16.88
C LEU A 196 8.16 -4.91 16.55
N ALA A 197 8.15 -5.89 17.46
CA ALA A 197 8.78 -7.22 17.27
C ALA A 197 8.02 -8.04 16.23
N LYS A 198 6.76 -7.67 15.94
CA LYS A 198 5.83 -8.50 15.14
C LYS A 198 5.69 -7.95 13.71
N LEU A 199 6.25 -6.78 13.42
CA LEU A 199 6.16 -6.16 12.08
C LEU A 199 6.93 -7.00 11.08
N PRO A 200 6.61 -6.89 9.77
CA PRO A 200 7.31 -7.66 8.74
C PRO A 200 8.81 -7.51 8.88
N PRO A 201 9.59 -8.62 8.78
CA PRO A 201 11.04 -8.53 8.80
C PRO A 201 11.63 -7.67 7.68
N LYS A 202 12.89 -7.27 7.89
CA LYS A 202 13.70 -6.56 6.87
C LYS A 202 13.73 -7.46 5.63
N GLY A 203 13.24 -6.95 4.49
CA GLY A 203 13.35 -7.62 3.18
C GLY A 203 12.06 -8.30 2.74
N LYS A 204 11.11 -8.56 3.63
CA LYS A 204 9.87 -9.29 3.28
C LYS A 204 8.99 -8.40 2.39
N LEU A 205 8.73 -7.17 2.82
CA LEU A 205 7.91 -6.23 2.00
C LEU A 205 8.66 -5.91 0.70
N ARG A 206 9.98 -5.73 0.75
CA ARG A 206 10.79 -5.40 -0.45
C ARG A 206 10.67 -6.52 -1.48
N SER A 207 10.84 -7.77 -1.07
CA SER A 207 10.83 -8.89 -2.05
C SER A 207 9.39 -9.13 -2.56
N LEU A 208 8.36 -8.97 -1.72
CA LEU A 208 6.97 -9.15 -2.19
C LEU A 208 6.68 -8.09 -3.23
N CYS A 209 7.07 -6.85 -2.96
CA CYS A 209 6.80 -5.72 -3.87
C CYS A 209 7.57 -5.92 -5.18
N SER A 210 8.82 -6.40 -5.10
CA SER A 210 9.64 -6.68 -6.31
C SER A 210 8.90 -7.68 -7.21
N GLN A 211 8.39 -8.76 -6.63
CA GLN A 211 7.69 -9.84 -7.37
C GLN A 211 6.40 -9.27 -7.98
N HIS A 212 5.69 -8.46 -7.21
CA HIS A 212 4.39 -7.87 -7.62
C HIS A 212 4.62 -6.94 -8.80
N VAL A 213 5.55 -5.99 -8.66
CA VAL A 213 5.78 -4.98 -9.73
C VAL A 213 6.35 -5.70 -10.96
N GLU A 214 7.18 -6.74 -10.80
CA GLU A 214 7.70 -7.50 -11.96
C GLU A 214 6.50 -8.04 -12.74
N ARG A 215 5.50 -8.59 -12.05
CA ARG A 215 4.31 -9.18 -12.71
C ARG A 215 3.49 -8.07 -13.39
N LEU A 216 3.33 -6.91 -12.74
CA LEU A 216 2.58 -5.78 -13.34
C LEU A 216 3.30 -5.32 -14.61
N GLN A 217 4.63 -5.27 -14.60
CA GLN A 217 5.40 -4.84 -15.79
C GLN A 217 5.24 -5.88 -16.91
N ILE A 218 5.20 -7.18 -16.60
CA ILE A 218 4.99 -8.23 -17.64
C ILE A 218 3.59 -8.03 -18.26
N PHE A 219 2.56 -7.89 -17.44
CA PHE A 219 1.19 -7.66 -17.96
C PHE A 219 1.16 -6.38 -18.81
N GLN A 220 1.81 -5.32 -18.33
CA GLN A 220 1.76 -4.00 -19.01
C GLN A 220 2.48 -4.09 -20.37
N HIS A 221 3.52 -4.91 -20.47
CA HIS A 221 4.22 -5.13 -21.76
C HIS A 221 3.30 -5.88 -22.72
N LEU A 222 2.58 -6.87 -22.21
CA LEU A 222 1.73 -7.74 -23.07
C LEU A 222 0.44 -7.01 -23.45
N HIS A 223 -0.12 -6.21 -22.54
CA HIS A 223 -1.50 -5.68 -22.66
C HIS A 223 -1.56 -4.33 -21.94
N PRO A 224 -0.95 -3.29 -22.52
CA PRO A 224 -0.78 -2.04 -21.78
C PRO A 224 -2.15 -1.43 -21.46
N ILE A 225 -2.35 -1.00 -20.20
CA ILE A 225 -3.49 -0.13 -19.81
C ILE A 225 -3.09 1.32 -20.08
N VAL A 226 -4.09 2.15 -20.31
CA VAL A 226 -4.00 3.64 -20.39
C VAL A 226 -4.15 4.18 -18.97
N VAL A 227 -3.17 4.93 -18.51
CA VAL A 227 -3.12 5.55 -17.16
C VAL A 227 -3.57 7.01 -17.24
N GLN A 228 -4.48 7.42 -16.33
CA GLN A 228 -4.80 8.84 -16.07
C GLN A 228 -3.65 9.42 -15.24
N ALA A 229 -2.58 9.84 -15.92
CA ALA A 229 -1.27 10.19 -15.33
C ALA A 229 -1.40 11.51 -14.58
N ALA A 230 -1.30 11.49 -13.26
CA ALA A 230 -1.41 12.70 -12.40
C ALA A 230 -0.02 13.25 -12.03
N PHE A 231 1.04 12.45 -12.20
CA PHE A 231 2.40 12.77 -11.67
C PHE A 231 3.45 12.48 -12.73
N PRO A 232 3.56 13.35 -13.74
CA PRO A 232 4.40 13.08 -14.91
C PRO A 232 5.82 12.60 -14.57
N PRO A 233 6.54 13.21 -13.60
CA PRO A 233 7.90 12.75 -13.32
C PRO A 233 7.95 11.31 -12.82
N LEU A 234 6.93 10.88 -12.07
CA LEU A 234 6.87 9.51 -11.54
C LEU A 234 6.41 8.57 -12.66
N TYR A 235 5.38 8.96 -13.42
CA TYR A 235 4.85 8.15 -14.54
C TYR A 235 6.01 7.79 -15.47
N LYS A 236 6.89 8.76 -15.73
CA LYS A 236 8.00 8.60 -16.70
C LYS A 236 8.98 7.52 -16.20
N GLU A 237 9.10 7.31 -14.89
CA GLU A 237 10.00 6.29 -14.27
C GLU A 237 9.39 4.88 -14.35
N LEU A 238 8.08 4.74 -14.42
CA LEU A 238 7.40 3.42 -14.35
C LEU A 238 6.92 2.95 -15.74
N PHE A 239 6.63 3.85 -16.66
CA PHE A 239 6.05 3.53 -17.98
C PHE A 239 7.01 3.93 -19.11
N SER A 240 7.00 3.16 -20.19
CA SER A 240 7.98 3.35 -21.32
C SER A 240 7.36 2.92 -22.63
#